data_3IVA
#
_entry.id   3IVA
#
_cell.length_a   107.006
_cell.length_b   107.006
_cell.length_c   141.185
_cell.angle_alpha   90.00
_cell.angle_beta   90.00
_cell.angle_gamma   90.00
#
_symmetry.space_group_name_H-M   'P 43 21 2'
#
loop_
_entity.id
_entity.type
_entity.pdbx_description
1 polymer 'Methionine synthase'
2 non-polymer COBALAMIN
3 non-polymer S-ADENOSYL-L-HOMOCYSTEINE
4 non-polymer 'NITRATE ION'
5 water water
#
_entity_poly.entity_id   1
_entity_poly.type   'polypeptide(L)'
_entity_poly.pdbx_seq_one_letter_code
;AQQAEWRSWEVNKRLEYSLVKGITEFIEQDTEEARQQATRPCEVIEGPLMDGMNVVGDLFGEGKMFLPQVVKSARVMKQA
VAYLEPFIEASKEQCKTNGKMVIATVKGDVHDIGKNIVGVVLQCNNYEIVDLGVMVPAEKILRTAKEVNADLIGLSGLIT
PSLDEMVNVAKEMERQGFTIPLLIGGATTSKAHTAVKIEQNYSGPTVYVQNASRTVGVVAALLSDTQRDDFVARTRKEYE
TVRIQHGRKKPRTPPVTLEAARDNDFAFDWQAYTPPVAHRLGVQEVEASIETLRNYIDWTPFFMTWSLAGKYPRILEDEV
VGVEAQRLFKDANDMLDKLSAEKTLNPRGVVGLFPANRVGDDIEIYRDETRTHVINVSHHLRQQTEKTGFANYCLADFVA
PKLSGKADYIGAFAVTGGLEEDALADAFEAQHDDYNKIMVKALADRLAEAFAEYLHERVRKVYWGYAPNENLSNEELIRE
NYQGIRPAPGYPACPEHTEKATIWELLEVEKHTGMKLTESFAMWPGASVSGWYFSHPDSKYYAVAQIQRDQVEDYARRKG
MSVTEVERWLAPNLGYDAD
;
_entity_poly.pdbx_strand_id   A
#
# COMPACT_ATOMS: atom_id res chain seq x y z
N GLN A 3 16.59 31.63 30.09
CA GLN A 3 15.67 30.73 30.84
C GLN A 3 14.92 29.83 29.87
N ALA A 4 13.72 29.39 30.27
CA ALA A 4 12.87 28.54 29.44
C ALA A 4 11.80 27.83 30.26
N GLU A 5 11.91 27.94 31.57
CA GLU A 5 10.95 27.31 32.48
C GLU A 5 11.10 25.80 32.56
N TRP A 6 11.00 25.11 31.42
CA TRP A 6 11.12 23.66 31.45
C TRP A 6 12.59 23.25 31.58
N ARG A 7 13.49 24.21 31.39
CA ARG A 7 14.91 23.93 31.51
C ARG A 7 15.31 24.04 32.98
N SER A 8 14.37 24.45 33.82
CA SER A 8 14.61 24.58 35.25
C SER A 8 13.94 23.46 36.02
N TRP A 9 13.45 22.46 35.31
CA TRP A 9 12.81 21.33 35.97
C TRP A 9 13.80 20.20 36.19
N GLU A 10 13.34 19.16 36.88
CA GLU A 10 14.16 17.98 37.15
C GLU A 10 14.62 17.42 35.81
N VAL A 11 15.82 16.83 35.77
CA VAL A 11 16.36 16.27 34.54
C VAL A 11 15.42 15.27 33.88
N ASN A 12 14.98 14.27 34.65
CA ASN A 12 14.08 13.26 34.11
C ASN A 12 12.70 13.83 33.84
N LYS A 13 12.51 15.10 34.18
CA LYS A 13 11.24 15.80 33.96
C LYS A 13 11.35 16.55 32.63
N ARG A 14 12.55 17.00 32.30
CA ARG A 14 12.82 17.70 31.06
C ARG A 14 12.78 16.68 29.92
N LEU A 15 13.10 15.44 30.25
CA LEU A 15 13.10 14.35 29.28
C LEU A 15 11.67 14.03 28.91
N GLU A 16 10.82 13.91 29.93
CA GLU A 16 9.41 13.63 29.72
C GLU A 16 8.82 14.76 28.86
N TYR A 17 9.21 16.00 29.17
CA TYR A 17 8.71 17.15 28.45
C TYR A 17 9.17 17.18 26.99
N SER A 18 10.47 16.94 26.79
CA SER A 18 11.04 16.94 25.45
C SER A 18 10.50 15.81 24.58
N LEU A 19 10.20 14.67 25.21
CA LEU A 19 9.66 13.54 24.48
C LEU A 19 8.25 13.87 24.00
N VAL A 20 7.38 14.22 24.94
CA VAL A 20 6.00 14.56 24.61
C VAL A 20 5.90 15.67 23.57
N LYS A 21 6.58 16.79 23.82
CA LYS A 21 6.55 17.93 22.92
C LYS A 21 7.40 17.72 21.68
N GLY A 22 8.21 16.68 21.69
CA GLY A 22 9.06 16.39 20.54
C GLY A 22 10.24 17.33 20.35
N ILE A 23 10.72 17.93 21.44
CA ILE A 23 11.87 18.83 21.35
C ILE A 23 13.15 18.02 21.17
N THR A 24 13.88 18.29 20.09
CA THR A 24 15.12 17.59 19.76
C THR A 24 16.40 18.30 20.18
N GLU A 25 16.40 19.63 20.11
CA GLU A 25 17.56 20.42 20.44
C GLU A 25 18.32 20.09 21.72
N PHE A 26 17.61 19.73 22.78
CA PHE A 26 18.25 19.44 24.06
C PHE A 26 18.32 17.98 24.49
N ILE A 27 17.81 17.07 23.68
CA ILE A 27 17.82 15.66 24.04
C ILE A 27 19.23 15.09 24.28
N GLU A 28 20.21 15.60 23.55
CA GLU A 28 21.59 15.14 23.70
C GLU A 28 22.14 15.57 25.06
N GLN A 29 22.30 16.88 25.23
CA GLN A 29 22.82 17.45 26.46
C GLN A 29 21.77 17.50 27.57
N ASP A 30 21.07 16.40 27.78
CA ASP A 30 20.04 16.36 28.82
C ASP A 30 19.84 14.93 29.28
N THR A 31 20.23 13.98 28.44
CA THR A 31 20.10 12.57 28.76
C THR A 31 21.45 12.05 29.26
N GLU A 32 22.51 12.79 28.92
CA GLU A 32 23.86 12.43 29.35
C GLU A 32 23.98 12.75 30.84
N GLU A 33 23.15 13.68 31.28
CA GLU A 33 23.13 14.11 32.68
C GLU A 33 22.30 13.12 33.49
N ALA A 34 21.30 12.54 32.83
CA ALA A 34 20.41 11.58 33.48
C ALA A 34 21.06 10.21 33.63
N ARG A 35 22.04 9.93 32.79
CA ARG A 35 22.72 8.64 32.84
C ARG A 35 23.70 8.63 34.01
N GLN A 36 24.17 9.81 34.39
CA GLN A 36 25.10 9.94 35.50
C GLN A 36 24.37 9.59 36.79
N GLN A 37 23.20 10.20 36.97
CA GLN A 37 22.39 9.97 38.17
C GLN A 37 22.09 8.48 38.32
N ALA A 38 21.87 7.81 37.20
CA ALA A 38 21.59 6.38 37.20
C ALA A 38 22.86 5.58 37.45
N THR A 39 22.69 4.40 38.05
CA THR A 39 23.82 3.52 38.33
C THR A 39 24.27 2.77 37.09
N ARG A 40 23.39 2.67 36.09
CA ARG A 40 23.70 1.97 34.86
C ARG A 40 22.95 2.58 33.66
N PRO A 41 23.50 2.41 32.45
CA PRO A 41 22.93 2.94 31.21
C PRO A 41 21.47 2.56 30.92
N CYS A 42 21.04 1.39 31.37
CA CYS A 42 19.66 0.94 31.13
C CYS A 42 18.60 1.56 32.03
N GLU A 43 19.01 2.32 33.03
CA GLU A 43 18.05 2.94 33.93
C GLU A 43 17.42 4.18 33.29
N VAL A 44 18.16 4.83 32.40
CA VAL A 44 17.64 6.02 31.74
C VAL A 44 16.58 5.62 30.72
N ILE A 45 16.86 4.56 29.96
CA ILE A 45 15.91 4.07 28.97
C ILE A 45 14.69 3.51 29.66
N GLU A 46 14.91 2.61 30.61
CA GLU A 46 13.83 1.97 31.35
C GLU A 46 13.19 2.93 32.36
N GLY A 47 13.83 4.08 32.58
CA GLY A 47 13.32 5.04 33.54
C GLY A 47 12.54 6.21 32.96
N PRO A 48 13.11 7.43 33.02
CA PRO A 48 12.47 8.64 32.50
C PRO A 48 12.13 8.57 31.02
N LEU A 49 13.03 7.97 30.25
CA LEU A 49 12.85 7.83 28.82
C LEU A 49 11.51 7.17 28.50
N MET A 50 11.13 6.17 29.30
CA MET A 50 9.86 5.48 29.08
C MET A 50 8.70 6.11 29.84
N ASP A 51 8.99 6.86 30.90
CA ASP A 51 7.92 7.51 31.66
C ASP A 51 7.21 8.46 30.72
N GLY A 52 8.01 9.20 29.95
CA GLY A 52 7.47 10.16 29.00
C GLY A 52 6.64 9.49 27.94
N MET A 53 7.13 8.37 27.41
CA MET A 53 6.40 7.63 26.37
C MET A 53 5.09 7.11 26.96
N ASN A 54 5.10 6.81 28.25
CA ASN A 54 3.90 6.34 28.92
C ASN A 54 2.92 7.50 28.97
N VAL A 55 3.46 8.71 29.03
CA VAL A 55 2.65 9.93 29.06
C VAL A 55 2.08 10.14 27.68
N VAL A 56 2.91 9.89 26.66
CA VAL A 56 2.48 10.04 25.28
C VAL A 56 1.34 9.05 25.04
N GLY A 57 1.51 7.86 25.60
CA GLY A 57 0.52 6.81 25.44
C GLY A 57 -0.89 7.11 25.92
N ASP A 58 -1.02 7.58 27.16
CA ASP A 58 -2.36 7.88 27.68
C ASP A 58 -2.85 9.21 27.13
N LEU A 59 -1.91 10.10 26.88
CA LEU A 59 -2.22 11.42 26.33
C LEU A 59 -2.91 11.12 25.00
N PHE A 60 -2.28 10.24 24.23
CA PHE A 60 -2.77 9.81 22.93
C PHE A 60 -4.13 9.11 23.05
N GLY A 61 -4.25 8.24 24.04
CA GLY A 61 -5.50 7.51 24.23
C GLY A 61 -6.66 8.37 24.65
N GLU A 62 -6.38 9.60 25.08
CA GLU A 62 -7.44 10.50 25.52
C GLU A 62 -7.92 11.41 24.40
N GLY A 63 -7.12 11.52 23.34
CA GLY A 63 -7.50 12.36 22.22
C GLY A 63 -6.93 13.75 22.33
N LYS A 64 -5.79 13.87 23.02
CA LYS A 64 -5.13 15.15 23.19
C LYS A 64 -3.82 15.09 22.43
N MET A 65 -3.62 13.99 21.73
CA MET A 65 -2.40 13.79 20.95
C MET A 65 -2.71 12.82 19.81
N PHE A 66 -2.06 13.03 18.66
CA PHE A 66 -2.28 12.17 17.51
C PHE A 66 -1.00 11.59 16.90
N LEU A 67 -1.17 10.62 16.01
CA LEU A 67 -0.07 9.93 15.36
C LEU A 67 1.08 10.81 14.90
N PRO A 68 0.80 11.86 14.12
CA PRO A 68 1.92 12.70 13.67
C PRO A 68 2.83 13.17 14.82
N GLN A 69 2.22 13.54 15.94
CA GLN A 69 2.96 14.01 17.11
C GLN A 69 3.69 12.88 17.81
N VAL A 70 3.02 11.72 17.87
CA VAL A 70 3.59 10.54 18.49
C VAL A 70 4.91 10.13 17.83
N VAL A 71 4.95 10.11 16.50
CA VAL A 71 6.20 9.73 15.84
C VAL A 71 7.27 10.76 16.14
N LYS A 72 6.86 11.99 16.39
CA LYS A 72 7.82 13.05 16.72
C LYS A 72 8.45 12.78 18.09
N SER A 73 7.69 12.15 18.98
CA SER A 73 8.19 11.81 20.29
C SER A 73 9.21 10.67 20.11
N ALA A 74 8.91 9.78 19.17
CA ALA A 74 9.78 8.65 18.86
C ALA A 74 11.12 9.18 18.35
N ARG A 75 11.09 10.26 17.59
CA ARG A 75 12.32 10.83 17.08
C ARG A 75 13.22 11.30 18.22
N VAL A 76 12.61 11.74 19.32
CA VAL A 76 13.39 12.20 20.46
C VAL A 76 13.91 10.99 21.23
N MET A 77 13.03 10.01 21.41
CA MET A 77 13.39 8.78 22.11
C MET A 77 14.53 8.08 21.35
N LYS A 78 14.21 7.62 20.16
CA LYS A 78 15.16 6.92 19.29
C LYS A 78 16.48 7.67 19.11
N GLN A 79 16.46 8.98 19.34
CA GLN A 79 17.66 9.79 19.20
C GLN A 79 18.37 9.86 20.55
N ALA A 80 17.62 9.59 21.62
CA ALA A 80 18.17 9.58 22.98
C ALA A 80 18.90 8.26 23.19
N VAL A 81 18.31 7.20 22.64
CA VAL A 81 18.88 5.87 22.73
C VAL A 81 20.14 5.84 21.86
N ALA A 82 20.04 6.38 20.65
CA ALA A 82 21.16 6.42 19.72
C ALA A 82 22.42 6.96 20.37
N TYR A 83 22.28 8.08 21.08
CA TYR A 83 23.42 8.69 21.77
C TYR A 83 23.82 7.84 22.97
N LEU A 84 22.84 7.17 23.56
CA LEU A 84 23.08 6.36 24.74
C LEU A 84 23.30 4.87 24.47
N GLU A 85 23.56 4.50 23.22
CA GLU A 85 23.80 3.11 22.89
C GLU A 85 25.28 2.74 23.01
N PRO A 86 26.20 3.71 22.82
CA PRO A 86 27.61 3.38 22.95
C PRO A 86 27.98 3.08 24.40
N PHE A 87 27.21 3.67 25.32
CA PHE A 87 27.42 3.50 26.76
C PHE A 87 26.81 2.19 27.27
N ILE A 88 25.70 1.78 26.66
CA ILE A 88 25.02 0.56 27.08
C ILE A 88 25.80 -0.69 26.66
N GLU A 89 26.01 -0.86 25.36
CA GLU A 89 26.72 -2.01 24.85
C GLU A 89 28.14 -2.11 25.41
N ALA A 90 28.84 -0.98 25.46
CA ALA A 90 30.21 -0.94 25.98
C ALA A 90 30.21 -1.13 27.49
N SER A 91 29.06 -1.53 28.03
CA SER A 91 28.88 -1.78 29.45
C SER A 91 27.79 -2.84 29.61
N LYS A 92 27.66 -3.68 28.60
CA LYS A 92 26.68 -4.77 28.55
C LYS A 92 25.27 -4.36 28.95
N GLU A 93 24.43 -5.37 29.14
CA GLU A 93 23.03 -5.20 29.50
C GLU A 93 22.24 -4.79 28.27
N GLN A 94 21.16 -5.52 27.97
CA GLN A 94 20.31 -5.22 26.82
C GLN A 94 19.05 -4.44 27.18
N CYS A 95 19.00 -3.93 28.41
CA CYS A 95 17.84 -3.16 28.89
C CYS A 95 16.50 -3.90 28.79
N LYS A 96 15.74 -3.85 29.87
CA LYS A 96 14.45 -4.49 29.94
C LYS A 96 13.54 -3.98 28.81
N THR A 97 12.86 -4.90 28.14
CA THR A 97 11.92 -4.53 27.07
C THR A 97 10.62 -5.30 27.30
N ASN A 98 9.58 -4.91 26.58
CA ASN A 98 8.27 -5.56 26.73
C ASN A 98 8.09 -6.76 25.82
N GLY A 99 9.07 -7.00 24.97
CA GLY A 99 9.00 -8.11 24.04
C GLY A 99 9.68 -7.77 22.73
N LYS A 100 10.09 -8.79 22.00
CA LYS A 100 10.77 -8.60 20.72
C LYS A 100 9.87 -9.06 19.58
N MET A 101 10.03 -8.47 18.41
CA MET A 101 9.22 -8.83 17.24
C MET A 101 9.95 -8.62 15.93
N VAL A 102 9.77 -9.59 15.02
CA VAL A 102 10.38 -9.51 13.70
C VAL A 102 9.29 -9.02 12.76
N ILE A 103 9.56 -7.91 12.09
CA ILE A 103 8.60 -7.32 11.16
C ILE A 103 9.21 -7.28 9.77
N ALA A 104 8.40 -7.55 8.75
CA ALA A 104 8.90 -7.53 7.38
C ALA A 104 7.79 -7.54 6.34
N THR A 105 8.09 -6.95 5.19
CA THR A 105 7.13 -6.94 4.10
C THR A 105 7.38 -8.19 3.29
N VAL A 106 6.33 -8.98 3.15
CA VAL A 106 6.34 -10.23 2.40
C VAL A 106 7.23 -10.21 1.14
N LYS A 107 7.71 -11.40 0.74
CA LYS A 107 8.54 -11.55 -0.45
C LYS A 107 7.81 -11.02 -1.68
N GLY A 108 8.53 -10.30 -2.54
CA GLY A 108 7.94 -9.77 -3.76
C GLY A 108 7.26 -8.42 -3.60
N ASP A 109 6.70 -8.16 -2.42
CA ASP A 109 6.03 -6.89 -2.17
C ASP A 109 7.05 -5.82 -1.86
N VAL A 110 6.67 -4.56 -2.01
CA VAL A 110 7.62 -3.48 -1.78
C VAL A 110 7.13 -2.31 -0.92
N HIS A 111 5.83 -2.14 -0.79
CA HIS A 111 5.29 -1.03 -0.01
C HIS A 111 5.40 -1.31 1.48
N ASP A 112 5.97 -0.36 2.23
CA ASP A 112 6.15 -0.54 3.68
C ASP A 112 5.72 0.61 4.59
N ILE A 113 5.05 1.63 4.08
CA ILE A 113 4.63 2.75 4.92
C ILE A 113 3.81 2.28 6.13
N GLY A 114 2.80 1.46 5.89
CA GLY A 114 1.98 0.97 6.98
C GLY A 114 2.80 0.21 8.01
N LYS A 115 3.75 -0.58 7.51
CA LYS A 115 4.61 -1.36 8.38
C LYS A 115 5.44 -0.42 9.26
N ASN A 116 6.11 0.55 8.64
CA ASN A 116 6.92 1.50 9.38
C ASN A 116 6.13 2.16 10.51
N ILE A 117 4.83 2.32 10.31
CA ILE A 117 3.96 2.94 11.30
C ILE A 117 3.71 1.99 12.45
N VAL A 118 3.33 0.75 12.12
CA VAL A 118 3.07 -0.25 13.15
C VAL A 118 4.34 -0.41 14.01
N GLY A 119 5.47 -0.48 13.33
CA GLY A 119 6.74 -0.65 14.02
C GLY A 119 7.12 0.47 14.97
N VAL A 120 7.06 1.72 14.50
CA VAL A 120 7.40 2.87 15.33
C VAL A 120 6.51 2.96 16.57
N VAL A 121 5.21 2.74 16.36
CA VAL A 121 4.22 2.80 17.43
C VAL A 121 4.55 1.77 18.51
N LEU A 122 4.98 0.58 18.08
CA LEU A 122 5.32 -0.48 19.01
C LEU A 122 6.56 -0.14 19.81
N GLN A 123 7.50 0.54 19.17
CA GLN A 123 8.73 0.94 19.84
C GLN A 123 8.38 1.98 20.91
N CYS A 124 7.27 2.67 20.69
CA CYS A 124 6.80 3.69 21.61
C CYS A 124 6.11 3.06 22.80
N ASN A 125 6.16 1.73 22.84
CA ASN A 125 5.57 0.95 23.91
C ASN A 125 6.67 0.01 24.42
N ASN A 126 7.90 0.40 24.13
CA ASN A 126 9.11 -0.30 24.52
C ASN A 126 9.34 -1.68 23.88
N TYR A 127 8.37 -2.15 23.10
CA TYR A 127 8.52 -3.43 22.42
C TYR A 127 9.68 -3.28 21.44
N GLU A 128 10.53 -4.30 21.32
CA GLU A 128 11.67 -4.22 20.41
C GLU A 128 11.26 -4.73 19.03
N ILE A 129 11.59 -3.97 18.01
CA ILE A 129 11.24 -4.34 16.64
C ILE A 129 12.45 -4.51 15.72
N VAL A 130 12.52 -5.67 15.06
CA VAL A 130 13.59 -5.93 14.12
C VAL A 130 12.95 -5.89 12.73
N ASP A 131 13.27 -4.85 11.97
CA ASP A 131 12.71 -4.66 10.64
C ASP A 131 13.60 -5.22 9.55
N LEU A 132 13.14 -6.30 8.93
CA LEU A 132 13.88 -6.96 7.86
C LEU A 132 13.73 -6.23 6.54
N GLY A 133 12.82 -5.27 6.49
CA GLY A 133 12.61 -4.53 5.26
C GLY A 133 11.46 -5.04 4.42
N VAL A 134 11.65 -4.99 3.11
CA VAL A 134 10.63 -5.45 2.17
C VAL A 134 11.20 -6.50 1.21
N MET A 135 10.31 -7.19 0.48
CA MET A 135 10.71 -8.25 -0.45
C MET A 135 11.54 -9.28 0.30
N VAL A 136 11.17 -9.49 1.57
CA VAL A 136 11.86 -10.42 2.45
C VAL A 136 11.39 -11.86 2.26
N PRO A 137 12.33 -12.77 1.98
CA PRO A 137 12.01 -14.19 1.79
C PRO A 137 11.50 -14.80 3.10
N ALA A 138 10.52 -15.69 3.00
CA ALA A 138 9.97 -16.33 4.18
C ALA A 138 11.09 -16.99 4.99
N GLU A 139 12.12 -17.45 4.29
CA GLU A 139 13.27 -18.09 4.92
C GLU A 139 13.96 -17.18 5.94
N LYS A 140 14.39 -16.00 5.50
CA LYS A 140 15.07 -15.06 6.39
C LYS A 140 14.15 -14.60 7.53
N ILE A 141 12.85 -14.57 7.26
CA ILE A 141 11.87 -14.15 8.27
C ILE A 141 11.89 -15.08 9.46
N LEU A 142 11.64 -16.37 9.20
CA LEU A 142 11.63 -17.38 10.25
C LEU A 142 13.03 -17.63 10.81
N ARG A 143 14.05 -17.35 10.01
CA ARG A 143 15.41 -17.56 10.47
C ARG A 143 15.86 -16.44 11.39
N THR A 144 15.40 -15.23 11.12
CA THR A 144 15.73 -14.06 11.94
C THR A 144 15.01 -14.14 13.28
N ALA A 145 13.75 -14.56 13.24
CA ALA A 145 12.95 -14.69 14.44
C ALA A 145 13.62 -15.66 15.41
N LYS A 146 14.20 -16.72 14.86
CA LYS A 146 14.89 -17.73 15.66
C LYS A 146 16.24 -17.19 16.12
N GLU A 147 16.98 -16.61 15.16
CA GLU A 147 18.30 -16.06 15.42
C GLU A 147 18.36 -15.09 16.60
N VAL A 148 17.31 -14.29 16.76
CA VAL A 148 17.28 -13.32 17.85
C VAL A 148 16.02 -13.45 18.72
N ASN A 149 15.64 -14.69 19.01
CA ASN A 149 14.46 -14.99 19.82
C ASN A 149 13.41 -13.91 19.82
N ALA A 150 12.41 -14.06 18.96
CA ALA A 150 11.33 -13.09 18.87
C ALA A 150 10.05 -13.74 19.39
N ASP A 151 9.25 -12.96 20.12
CA ASP A 151 8.02 -13.48 20.67
C ASP A 151 6.91 -13.44 19.63
N LEU A 152 7.07 -12.57 18.64
CA LEU A 152 6.08 -12.42 17.60
C LEU A 152 6.69 -12.15 16.25
N ILE A 153 5.95 -12.54 15.21
CA ILE A 153 6.36 -12.33 13.83
C ILE A 153 5.25 -11.52 13.18
N GLY A 154 5.64 -10.43 12.52
CA GLY A 154 4.66 -9.59 11.86
C GLY A 154 4.87 -9.54 10.36
N LEU A 155 3.80 -9.84 9.60
CA LEU A 155 3.89 -9.81 8.14
C LEU A 155 3.05 -8.70 7.52
N SER A 156 3.62 -8.04 6.51
CA SER A 156 2.94 -6.95 5.81
C SER A 156 2.75 -7.28 4.34
N GLY A 157 1.65 -6.81 3.76
CA GLY A 157 1.38 -7.08 2.35
C GLY A 157 0.39 -6.10 1.72
N LEU A 158 0.80 -5.46 0.63
CA LEU A 158 -0.05 -4.50 -0.06
C LEU A 158 -0.92 -5.11 -1.15
N ILE A 159 -0.33 -5.98 -1.97
CA ILE A 159 -1.05 -6.62 -3.06
C ILE A 159 -1.49 -8.07 -2.83
N THR A 160 -2.52 -8.47 -3.57
CA THR A 160 -3.09 -9.82 -3.48
C THR A 160 -2.08 -10.96 -3.48
N PRO A 161 -1.09 -10.92 -4.38
CA PRO A 161 -0.07 -11.96 -4.45
C PRO A 161 0.66 -12.18 -3.14
N SER A 162 0.59 -11.20 -2.24
CA SER A 162 1.25 -11.29 -0.95
C SER A 162 0.54 -12.27 -0.03
N LEU A 163 -0.79 -12.34 -0.14
CA LEU A 163 -1.58 -13.25 0.68
C LEU A 163 -1.10 -14.69 0.51
N ASP A 164 -0.58 -14.99 -0.67
CA ASP A 164 -0.07 -16.33 -0.97
C ASP A 164 1.20 -16.56 -0.17
N GLU A 165 2.15 -15.62 -0.24
CA GLU A 165 3.40 -15.74 0.49
C GLU A 165 3.18 -15.72 1.99
N MET A 166 2.05 -15.16 2.43
CA MET A 166 1.74 -15.11 3.86
C MET A 166 1.37 -16.53 4.31
N VAL A 167 0.35 -17.10 3.67
CA VAL A 167 -0.09 -18.45 3.99
C VAL A 167 1.13 -19.35 3.98
N ASN A 168 2.07 -19.03 3.12
CA ASN A 168 3.31 -19.80 3.00
C ASN A 168 4.08 -19.73 4.30
N VAL A 169 4.27 -18.53 4.84
CA VAL A 169 5.00 -18.35 6.09
C VAL A 169 4.37 -19.15 7.23
N ALA A 170 3.04 -19.17 7.29
CA ALA A 170 2.31 -19.89 8.32
C ALA A 170 2.49 -21.41 8.19
N LYS A 171 2.47 -21.91 6.96
CA LYS A 171 2.65 -23.34 6.73
C LYS A 171 4.08 -23.75 7.09
N GLU A 172 5.02 -22.82 6.92
CA GLU A 172 6.42 -23.09 7.22
C GLU A 172 6.67 -23.02 8.73
N MET A 173 5.92 -22.15 9.41
CA MET A 173 6.06 -22.01 10.85
C MET A 173 5.57 -23.29 11.51
N GLU A 174 4.67 -23.99 10.82
CA GLU A 174 4.11 -25.24 11.31
C GLU A 174 5.08 -26.39 11.04
N ARG A 175 5.65 -26.40 9.84
CA ARG A 175 6.61 -27.44 9.44
C ARG A 175 7.86 -27.37 10.32
N GLN A 176 8.13 -26.20 10.87
CA GLN A 176 9.31 -26.00 11.71
C GLN A 176 9.06 -26.01 13.21
N GLY A 177 7.80 -26.13 13.61
CA GLY A 177 7.48 -26.18 15.03
C GLY A 177 7.34 -24.88 15.80
N PHE A 178 7.27 -23.74 15.11
CA PHE A 178 7.10 -22.46 15.79
C PHE A 178 5.89 -22.50 16.72
N THR A 179 5.96 -21.72 17.79
CA THR A 179 4.87 -21.66 18.76
C THR A 179 4.35 -20.24 18.89
N ILE A 180 5.25 -19.28 18.67
CA ILE A 180 4.92 -17.86 18.78
C ILE A 180 3.79 -17.40 17.87
N PRO A 181 3.05 -16.35 18.29
CA PRO A 181 1.92 -15.79 17.54
C PRO A 181 2.33 -15.24 16.18
N LEU A 182 1.38 -15.27 15.24
CA LEU A 182 1.60 -14.75 13.90
C LEU A 182 0.59 -13.64 13.63
N LEU A 183 1.09 -12.41 13.49
CA LEU A 183 0.24 -11.27 13.21
C LEU A 183 0.36 -10.90 11.75
N ILE A 184 -0.76 -10.93 11.04
CA ILE A 184 -0.76 -10.59 9.63
C ILE A 184 -1.58 -9.33 9.40
N GLY A 185 -0.96 -8.36 8.73
CA GLY A 185 -1.64 -7.10 8.45
C GLY A 185 -1.24 -6.57 7.09
N GLY A 186 -1.95 -5.55 6.63
CA GLY A 186 -1.67 -4.96 5.34
C GLY A 186 -2.96 -4.52 4.70
N ALA A 187 -2.86 -3.87 3.54
CA ALA A 187 -4.05 -3.40 2.84
C ALA A 187 -4.74 -4.55 2.12
N THR A 188 -3.98 -5.59 1.81
CA THR A 188 -4.51 -6.75 1.10
C THR A 188 -5.07 -7.81 2.06
N THR A 189 -4.77 -7.66 3.35
CA THR A 189 -5.22 -8.61 4.35
C THR A 189 -6.55 -8.26 5.00
N SER A 190 -7.41 -9.25 5.13
CA SER A 190 -8.73 -9.04 5.73
C SER A 190 -8.94 -10.03 6.88
N LYS A 191 -10.01 -9.84 7.63
CA LYS A 191 -10.32 -10.70 8.75
C LYS A 191 -10.89 -12.04 8.28
N ALA A 192 -11.56 -12.01 7.13
CA ALA A 192 -12.15 -13.22 6.56
C ALA A 192 -11.10 -14.13 5.95
N HIS A 193 -10.10 -13.55 5.28
CA HIS A 193 -9.04 -14.32 4.65
C HIS A 193 -8.14 -14.94 5.70
N THR A 194 -7.84 -14.20 6.75
CA THR A 194 -6.97 -14.69 7.81
C THR A 194 -7.61 -15.90 8.49
N ALA A 195 -8.94 -15.88 8.58
CA ALA A 195 -9.69 -16.95 9.22
C ALA A 195 -9.95 -18.13 8.29
N VAL A 196 -10.12 -17.84 7.00
CA VAL A 196 -10.40 -18.89 6.03
C VAL A 196 -9.18 -19.43 5.29
N LYS A 197 -8.09 -18.68 5.26
CA LYS A 197 -6.91 -19.12 4.55
C LYS A 197 -5.58 -19.12 5.30
N ILE A 198 -5.44 -18.30 6.34
CA ILE A 198 -4.18 -18.24 7.08
C ILE A 198 -4.10 -19.08 8.36
N GLU A 199 -5.04 -18.86 9.28
CA GLU A 199 -5.04 -19.56 10.56
C GLU A 199 -4.83 -21.08 10.52
N GLN A 200 -5.81 -21.79 9.97
CA GLN A 200 -5.78 -23.25 9.89
C GLN A 200 -4.44 -23.88 9.50
N ASN A 201 -3.56 -23.11 8.86
CA ASN A 201 -2.26 -23.65 8.46
C ASN A 201 -1.19 -23.55 9.54
N TYR A 202 -1.58 -23.09 10.73
CA TYR A 202 -0.63 -22.94 11.82
C TYR A 202 -1.23 -23.30 13.18
N SER A 203 -0.56 -24.18 13.91
CA SER A 203 -1.02 -24.62 15.22
C SER A 203 -0.97 -23.47 16.21
N GLY A 204 -0.04 -22.54 16.00
CA GLY A 204 0.08 -21.40 16.88
C GLY A 204 -0.97 -20.34 16.61
N PRO A 205 -1.00 -19.27 17.43
CA PRO A 205 -1.98 -18.19 17.25
C PRO A 205 -1.72 -17.36 15.99
N THR A 206 -2.80 -16.99 15.31
CA THR A 206 -2.73 -16.19 14.10
C THR A 206 -3.78 -15.10 14.24
N VAL A 207 -3.34 -13.85 14.37
CA VAL A 207 -4.27 -12.75 14.55
C VAL A 207 -4.13 -11.62 13.54
N TYR A 208 -5.25 -11.31 12.89
CA TYR A 208 -5.30 -10.21 11.94
C TYR A 208 -5.64 -8.96 12.73
N VAL A 209 -5.01 -7.84 12.39
CA VAL A 209 -5.29 -6.59 13.07
C VAL A 209 -5.33 -5.43 12.10
N GLN A 210 -6.48 -4.76 12.05
CA GLN A 210 -6.72 -3.64 11.16
C GLN A 210 -5.58 -2.63 11.05
N ASN A 211 -5.33 -1.90 12.12
CA ASN A 211 -4.30 -0.86 12.13
C ASN A 211 -3.20 -1.00 13.18
N ALA A 212 -2.37 0.03 13.27
CA ALA A 212 -1.24 0.08 14.20
C ALA A 212 -1.58 0.47 15.64
N SER A 213 -2.85 0.76 15.91
CA SER A 213 -3.24 1.13 17.26
C SER A 213 -3.73 -0.09 18.03
N ARG A 214 -4.64 -0.84 17.40
CA ARG A 214 -5.18 -2.05 18.02
C ARG A 214 -4.14 -3.16 18.03
N THR A 215 -2.99 -2.89 17.41
CA THR A 215 -1.91 -3.85 17.35
C THR A 215 -1.21 -3.94 18.70
N VAL A 216 -0.85 -2.78 19.24
CA VAL A 216 -0.18 -2.74 20.53
C VAL A 216 -1.10 -3.36 21.58
N GLY A 217 -2.40 -3.33 21.32
CA GLY A 217 -3.36 -3.91 22.23
C GLY A 217 -3.40 -5.42 22.13
N VAL A 218 -3.06 -5.94 20.94
CA VAL A 218 -3.05 -7.38 20.71
C VAL A 218 -1.75 -7.94 21.25
N VAL A 219 -0.64 -7.35 20.86
CA VAL A 219 0.67 -7.78 21.31
C VAL A 219 0.74 -7.71 22.83
N ALA A 220 -0.18 -6.95 23.42
CA ALA A 220 -0.22 -6.80 24.87
C ALA A 220 -0.91 -7.97 25.56
N ALA A 221 -2.13 -8.25 25.13
CA ALA A 221 -2.93 -9.34 25.70
C ALA A 221 -2.41 -10.70 25.25
N LEU A 222 -1.96 -10.76 23.99
CA LEU A 222 -1.46 -12.00 23.42
C LEU A 222 -0.07 -12.35 23.95
N LEU A 223 0.59 -11.36 24.54
CA LEU A 223 1.94 -11.57 25.08
C LEU A 223 1.95 -11.50 26.61
N SER A 224 0.77 -11.53 27.22
CA SER A 224 0.66 -11.48 28.68
C SER A 224 0.43 -12.89 29.21
N ASP A 225 0.07 -12.99 30.48
CA ASP A 225 -0.18 -14.28 31.11
C ASP A 225 -1.64 -14.39 31.54
N THR A 226 -2.17 -13.29 32.04
CA THR A 226 -3.55 -13.23 32.52
C THR A 226 -4.58 -12.99 31.42
N GLN A 227 -4.14 -12.92 30.17
CA GLN A 227 -5.06 -12.67 29.08
C GLN A 227 -4.72 -13.52 27.86
N ARG A 228 -3.44 -13.81 27.69
CA ARG A 228 -2.94 -14.60 26.58
C ARG A 228 -3.86 -15.74 26.17
N ASP A 229 -4.13 -16.64 27.11
CA ASP A 229 -4.98 -17.81 26.84
C ASP A 229 -6.42 -17.50 26.47
N ASP A 230 -7.04 -16.53 27.14
CA ASP A 230 -8.42 -16.19 26.85
C ASP A 230 -8.57 -15.52 25.48
N PHE A 231 -7.58 -14.72 25.10
CA PHE A 231 -7.59 -14.02 23.82
C PHE A 231 -7.52 -14.95 22.62
N VAL A 232 -6.66 -15.96 22.69
CA VAL A 232 -6.51 -16.91 21.59
C VAL A 232 -7.81 -17.69 21.38
N ALA A 233 -8.38 -18.16 22.47
CA ALA A 233 -9.62 -18.94 22.43
C ALA A 233 -10.75 -18.11 21.80
N ARG A 234 -10.79 -16.84 22.14
CA ARG A 234 -11.81 -15.94 21.62
C ARG A 234 -11.58 -15.71 20.13
N THR A 235 -10.31 -15.56 19.76
CA THR A 235 -9.96 -15.35 18.36
C THR A 235 -10.30 -16.58 17.55
N ARG A 236 -10.05 -17.76 18.12
CA ARG A 236 -10.35 -19.02 17.45
C ARG A 236 -11.85 -19.13 17.17
N LYS A 237 -12.64 -19.10 18.24
CA LYS A 237 -14.09 -19.20 18.11
C LYS A 237 -14.63 -18.26 17.05
N GLU A 238 -14.30 -16.96 17.19
CA GLU A 238 -14.76 -15.97 16.24
C GLU A 238 -14.30 -16.36 14.83
N TYR A 239 -13.02 -16.66 14.68
CA TYR A 239 -12.49 -17.05 13.38
C TYR A 239 -13.20 -18.27 12.81
N GLU A 240 -14.02 -18.91 13.63
CA GLU A 240 -14.77 -20.07 13.18
C GLU A 240 -16.18 -19.66 12.77
N THR A 241 -16.84 -18.86 13.61
CA THR A 241 -18.19 -18.41 13.31
C THR A 241 -18.16 -17.60 12.01
N VAL A 242 -16.97 -17.38 11.49
CA VAL A 242 -16.77 -16.64 10.25
C VAL A 242 -16.20 -17.61 9.22
N ARG A 243 -15.42 -18.57 9.68
CA ARG A 243 -14.82 -19.56 8.81
C ARG A 243 -15.93 -20.48 8.32
N ILE A 244 -16.91 -20.72 9.18
CA ILE A 244 -18.04 -21.57 8.84
C ILE A 244 -19.18 -20.70 8.31
N GLN A 245 -19.04 -19.39 8.47
CA GLN A 245 -20.04 -18.44 7.98
C GLN A 245 -19.85 -18.37 6.48
N HIS A 246 -18.61 -18.10 6.07
CA HIS A 246 -18.26 -18.03 4.66
C HIS A 246 -18.11 -19.45 4.15
N GLY A 247 -17.54 -20.32 4.98
CA GLY A 247 -17.34 -21.70 4.61
C GLY A 247 -18.51 -22.26 3.82
N ARG A 248 -19.69 -22.24 4.42
CA ARG A 248 -20.89 -22.74 3.76
C ARG A 248 -21.92 -21.62 3.64
N LYS A 249 -23.19 -22.00 3.60
CA LYS A 249 -24.26 -21.00 3.45
C LYS A 249 -23.96 -20.29 2.13
N LYS A 250 -23.38 -21.07 1.21
CA LYS A 250 -22.96 -20.66 -0.13
C LYS A 250 -23.22 -19.23 -0.57
N PRO A 251 -22.18 -18.58 -1.14
CA PRO A 251 -22.23 -17.20 -1.64
C PRO A 251 -23.41 -17.00 -2.56
N ARG A 252 -24.57 -16.68 -1.99
CA ARG A 252 -25.76 -16.49 -2.80
C ARG A 252 -25.61 -15.42 -3.86
N THR A 253 -25.51 -15.89 -5.09
CA THR A 253 -25.37 -15.07 -6.29
C THR A 253 -24.83 -16.04 -7.34
N PRO A 254 -25.70 -16.96 -7.80
CA PRO A 254 -25.39 -18.00 -8.79
C PRO A 254 -24.50 -17.59 -9.95
N PRO A 255 -23.35 -18.27 -10.11
CA PRO A 255 -22.40 -18.00 -11.19
C PRO A 255 -23.07 -18.25 -12.54
N VAL A 256 -22.38 -17.95 -13.62
CA VAL A 256 -22.94 -18.16 -14.94
C VAL A 256 -21.90 -18.65 -15.94
N THR A 257 -22.37 -19.37 -16.95
CA THR A 257 -21.51 -19.90 -17.99
C THR A 257 -20.73 -18.74 -18.61
N LEU A 258 -19.42 -18.92 -18.75
CA LEU A 258 -18.60 -17.87 -19.34
C LEU A 258 -19.21 -17.52 -20.68
N GLU A 259 -19.90 -18.49 -21.28
CA GLU A 259 -20.55 -18.33 -22.57
C GLU A 259 -21.75 -17.40 -22.46
N ALA A 260 -22.56 -17.60 -21.42
CA ALA A 260 -23.74 -16.78 -21.21
C ALA A 260 -23.31 -15.35 -20.90
N ALA A 261 -22.28 -15.23 -20.06
CA ALA A 261 -21.75 -13.93 -19.68
C ALA A 261 -21.36 -13.16 -20.94
N ARG A 262 -20.59 -13.83 -21.80
CA ARG A 262 -20.12 -13.23 -23.04
C ARG A 262 -21.26 -12.81 -23.97
N ASP A 263 -22.41 -13.48 -23.87
CA ASP A 263 -23.54 -13.12 -24.72
C ASP A 263 -24.28 -11.93 -24.10
N ASN A 264 -23.91 -11.60 -22.86
CA ASN A 264 -24.51 -10.48 -22.14
C ASN A 264 -23.51 -9.34 -22.06
N ASP A 265 -22.46 -9.41 -22.88
CA ASP A 265 -21.45 -8.37 -22.88
C ASP A 265 -22.11 -7.00 -23.10
N PHE A 266 -21.39 -5.95 -22.72
CA PHE A 266 -21.89 -4.59 -22.87
C PHE A 266 -22.61 -4.39 -24.21
N ALA A 267 -23.86 -3.96 -24.16
CA ALA A 267 -24.65 -3.74 -25.36
C ALA A 267 -24.39 -2.33 -25.91
N PHE A 268 -23.94 -2.25 -27.16
CA PHE A 268 -23.65 -0.96 -27.77
C PHE A 268 -23.71 -1.06 -29.29
N ASP A 269 -24.29 -0.05 -29.92
CA ASP A 269 -24.40 -0.01 -31.37
C ASP A 269 -23.17 0.70 -31.92
N TRP A 270 -22.12 -0.07 -32.16
CA TRP A 270 -20.87 0.48 -32.65
C TRP A 270 -20.89 1.10 -34.04
N GLN A 271 -21.77 0.63 -34.91
CA GLN A 271 -21.83 1.20 -36.25
C GLN A 271 -22.21 2.67 -36.22
N ALA A 272 -22.93 3.08 -35.17
CA ALA A 272 -23.35 4.47 -35.04
C ALA A 272 -22.32 5.33 -34.34
N TYR A 273 -21.45 4.70 -33.56
CA TYR A 273 -20.43 5.41 -32.81
C TYR A 273 -19.06 5.38 -33.48
N THR A 274 -18.31 6.46 -33.33
CA THR A 274 -16.95 6.55 -33.86
C THR A 274 -16.03 7.02 -32.75
N PRO A 275 -15.21 6.09 -32.22
CA PRO A 275 -14.27 6.40 -31.13
C PRO A 275 -13.33 7.53 -31.50
N PRO A 276 -13.13 8.49 -30.59
CA PRO A 276 -12.21 9.56 -30.95
C PRO A 276 -10.87 8.99 -31.39
N VAL A 277 -10.24 9.65 -32.36
CA VAL A 277 -8.95 9.22 -32.86
C VAL A 277 -7.89 9.95 -32.06
N ALA A 278 -6.94 9.21 -31.52
CA ALA A 278 -5.87 9.82 -30.73
C ALA A 278 -5.05 10.81 -31.55
N HIS A 279 -4.80 11.98 -30.97
CA HIS A 279 -4.00 12.99 -31.65
C HIS A 279 -2.58 12.47 -31.80
N ARG A 280 -2.18 11.60 -30.89
CA ARG A 280 -0.84 11.06 -30.94
C ARG A 280 -0.80 9.56 -30.70
N LEU A 281 0.19 8.92 -31.30
CA LEU A 281 0.38 7.49 -31.13
C LEU A 281 1.84 7.29 -30.81
N GLY A 282 2.14 6.22 -30.07
CA GLY A 282 3.51 5.95 -29.72
C GLY A 282 3.75 5.93 -28.22
N VAL A 283 5.02 5.86 -27.86
CA VAL A 283 5.43 5.82 -26.47
C VAL A 283 6.23 7.08 -26.22
N GLN A 284 5.91 7.75 -25.12
CA GLN A 284 6.58 8.99 -24.79
C GLN A 284 7.07 8.97 -23.34
N GLU A 285 8.33 9.35 -23.16
CA GLU A 285 8.93 9.42 -21.84
C GLU A 285 8.41 10.74 -21.32
N VAL A 286 7.78 10.72 -20.15
CA VAL A 286 7.24 11.95 -19.57
C VAL A 286 7.84 12.26 -18.22
N GLU A 287 7.71 13.53 -17.83
CA GLU A 287 8.23 13.98 -16.56
C GLU A 287 7.59 15.31 -16.22
N ALA A 288 7.23 15.48 -14.95
CA ALA A 288 6.62 16.71 -14.49
C ALA A 288 7.33 17.07 -13.20
N SER A 289 7.45 18.37 -12.95
CA SER A 289 8.09 18.86 -11.74
C SER A 289 7.16 18.70 -10.54
N ILE A 290 7.70 18.92 -9.35
CA ILE A 290 6.90 18.84 -8.15
C ILE A 290 5.98 20.05 -8.13
N GLU A 291 6.48 21.18 -8.65
CA GLU A 291 5.67 22.39 -8.69
C GLU A 291 4.40 22.23 -9.50
N THR A 292 4.48 21.49 -10.61
CA THR A 292 3.32 21.27 -11.45
C THR A 292 2.38 20.24 -10.84
N LEU A 293 2.94 19.25 -10.15
CA LEU A 293 2.12 18.19 -9.56
C LEU A 293 1.45 18.49 -8.24
N ARG A 294 1.96 19.47 -7.48
CA ARG A 294 1.36 19.82 -6.19
C ARG A 294 -0.11 20.15 -6.35
N ASN A 295 -0.44 20.84 -7.44
CA ASN A 295 -1.80 21.27 -7.74
C ASN A 295 -2.74 20.12 -8.06
N TYR A 296 -2.16 18.95 -8.29
CA TYR A 296 -2.93 17.77 -8.63
C TYR A 296 -2.97 16.77 -7.50
N ILE A 297 -2.34 17.12 -6.38
CA ILE A 297 -2.28 16.25 -5.22
C ILE A 297 -3.60 16.15 -4.45
N ASP A 298 -3.99 14.93 -4.12
CA ASP A 298 -5.20 14.70 -3.34
C ASP A 298 -4.72 14.36 -1.92
N TRP A 299 -4.78 15.36 -1.04
CA TRP A 299 -4.33 15.23 0.34
C TRP A 299 -5.12 14.34 1.29
N THR A 300 -6.36 14.01 0.96
CA THR A 300 -7.16 13.19 1.85
C THR A 300 -6.47 11.86 2.26
N PRO A 301 -6.03 11.05 1.29
CA PRO A 301 -5.36 9.77 1.57
C PRO A 301 -4.09 9.98 2.40
N PHE A 302 -3.49 11.14 2.24
CA PHE A 302 -2.29 11.50 2.97
C PHE A 302 -2.61 11.66 4.47
N PHE A 303 -3.77 12.24 4.78
CA PHE A 303 -4.19 12.42 6.16
C PHE A 303 -4.55 11.07 6.77
N MET A 304 -5.21 10.23 5.97
CA MET A 304 -5.59 8.89 6.40
C MET A 304 -4.32 8.16 6.87
N THR A 305 -3.30 8.21 6.02
CA THR A 305 -2.02 7.58 6.30
C THR A 305 -1.43 7.96 7.65
N TRP A 306 -1.77 9.14 8.17
CA TRP A 306 -1.24 9.59 9.45
C TRP A 306 -2.33 9.53 10.53
N SER A 307 -3.34 8.70 10.33
CA SER A 307 -4.42 8.56 11.29
C SER A 307 -5.13 9.86 11.67
N LEU A 308 -5.36 10.72 10.69
CA LEU A 308 -6.07 11.97 10.91
C LEU A 308 -7.31 11.86 10.06
N ALA A 309 -8.46 11.63 10.69
CA ALA A 309 -9.72 11.48 9.98
C ALA A 309 -10.23 12.80 9.39
N GLY A 310 -10.87 12.72 8.24
CA GLY A 310 -11.39 13.91 7.61
C GLY A 310 -10.95 14.11 6.18
N LYS A 311 -11.82 14.74 5.39
CA LYS A 311 -11.57 15.01 3.99
C LYS A 311 -10.95 16.40 3.85
N TYR A 312 -10.00 16.55 2.94
CA TYR A 312 -9.36 17.84 2.71
C TYR A 312 -10.26 18.68 1.80
N PRO A 313 -10.33 20.00 2.03
CA PRO A 313 -9.64 20.77 3.06
C PRO A 313 -10.38 20.98 4.39
N ARG A 314 -11.62 20.50 4.47
CA ARG A 314 -12.41 20.66 5.69
C ARG A 314 -11.69 20.17 6.95
N ILE A 315 -10.84 19.15 6.80
CA ILE A 315 -10.11 18.58 7.92
C ILE A 315 -9.27 19.63 8.65
N LEU A 316 -8.82 20.64 7.91
CA LEU A 316 -8.00 21.70 8.46
C LEU A 316 -8.74 22.58 9.47
N GLU A 317 -10.07 22.45 9.49
CA GLU A 317 -10.89 23.24 10.39
C GLU A 317 -11.58 22.42 11.46
N ASP A 318 -11.34 21.11 11.47
CA ASP A 318 -11.95 20.25 12.47
C ASP A 318 -11.55 20.72 13.85
N GLU A 319 -12.51 20.81 14.75
CA GLU A 319 -12.25 21.25 16.12
C GLU A 319 -11.33 20.31 16.88
N VAL A 320 -11.16 19.08 16.38
CA VAL A 320 -10.31 18.13 17.06
C VAL A 320 -8.92 17.96 16.43
N VAL A 321 -8.86 17.54 15.16
CA VAL A 321 -7.56 17.35 14.53
C VAL A 321 -7.11 18.42 13.55
N GLY A 322 -7.95 19.44 13.34
CA GLY A 322 -7.62 20.52 12.41
C GLY A 322 -6.26 21.15 12.64
N VAL A 323 -5.96 21.46 13.90
CA VAL A 323 -4.70 22.06 14.26
C VAL A 323 -3.55 21.14 13.82
N GLU A 324 -3.60 19.88 14.24
CA GLU A 324 -2.56 18.92 13.91
C GLU A 324 -2.48 18.61 12.43
N ALA A 325 -3.63 18.61 11.75
CA ALA A 325 -3.67 18.35 10.32
C ALA A 325 -2.96 19.51 9.62
N GLN A 326 -3.10 20.70 10.18
CA GLN A 326 -2.49 21.90 9.65
C GLN A 326 -0.98 21.84 9.74
N ARG A 327 -0.49 21.40 10.90
CA ARG A 327 0.94 21.30 11.15
C ARG A 327 1.58 20.20 10.33
N LEU A 328 0.82 19.13 10.11
CA LEU A 328 1.27 17.98 9.33
C LEU A 328 1.30 18.43 7.87
N PHE A 329 0.29 19.21 7.50
CA PHE A 329 0.15 19.76 6.14
C PHE A 329 1.27 20.76 5.86
N LYS A 330 1.57 21.58 6.84
CA LYS A 330 2.62 22.58 6.70
C LYS A 330 3.96 21.85 6.53
N ASP A 331 4.20 20.84 7.35
CA ASP A 331 5.45 20.09 7.24
C ASP A 331 5.61 19.47 5.86
N ALA A 332 4.58 18.75 5.41
CA ALA A 332 4.61 18.11 4.08
C ALA A 332 4.96 19.12 3.01
N ASN A 333 4.32 20.27 3.05
CA ASN A 333 4.58 21.31 2.06
C ASN A 333 5.98 21.91 2.24
N ASP A 334 6.46 21.96 3.47
CA ASP A 334 7.80 22.47 3.73
C ASP A 334 8.77 21.56 2.99
N MET A 335 8.59 20.25 3.16
CA MET A 335 9.45 19.27 2.52
C MET A 335 9.34 19.32 0.99
N LEU A 336 8.14 19.54 0.48
CA LEU A 336 7.98 19.61 -0.96
C LEU A 336 8.77 20.80 -1.49
N ASP A 337 8.74 21.90 -0.76
CA ASP A 337 9.48 23.08 -1.18
C ASP A 337 10.95 22.76 -1.30
N LYS A 338 11.50 22.08 -0.30
CA LYS A 338 12.90 21.70 -0.33
C LYS A 338 13.13 20.70 -1.46
N LEU A 339 12.39 19.60 -1.45
CA LEU A 339 12.54 18.57 -2.48
C LEU A 339 12.46 19.13 -3.90
N SER A 340 11.65 20.16 -4.09
CA SER A 340 11.48 20.78 -5.40
C SER A 340 12.61 21.71 -5.77
N ALA A 341 13.03 22.55 -4.82
CA ALA A 341 14.10 23.50 -5.05
C ALA A 341 15.44 22.82 -5.30
N GLU A 342 15.67 21.71 -4.59
CA GLU A 342 16.92 20.98 -4.71
C GLU A 342 16.83 19.90 -5.78
N LYS A 343 15.62 19.65 -6.30
CA LYS A 343 15.41 18.63 -7.32
C LYS A 343 15.97 17.30 -6.82
N THR A 344 15.82 17.05 -5.52
CA THR A 344 16.30 15.81 -4.94
C THR A 344 15.35 14.64 -5.21
N LEU A 345 14.09 14.95 -5.52
CA LEU A 345 13.10 13.91 -5.83
C LEU A 345 12.50 14.29 -7.19
N ASN A 346 12.56 13.39 -8.16
CA ASN A 346 12.06 13.71 -9.50
C ASN A 346 11.05 12.76 -10.13
N PRO A 347 9.76 13.12 -10.07
CA PRO A 347 8.70 12.28 -10.64
C PRO A 347 8.92 12.07 -12.13
N ARG A 348 8.73 10.84 -12.59
CA ARG A 348 8.92 10.55 -14.00
C ARG A 348 8.02 9.39 -14.41
N GLY A 349 7.83 9.23 -15.71
CA GLY A 349 6.99 8.15 -16.19
C GLY A 349 7.04 7.96 -17.69
N VAL A 350 6.02 7.28 -18.20
CA VAL A 350 5.91 7.03 -19.62
C VAL A 350 4.44 6.79 -19.98
N VAL A 351 4.05 7.29 -21.15
CA VAL A 351 2.67 7.13 -21.61
C VAL A 351 2.69 6.62 -23.05
N GLY A 352 1.60 5.97 -23.45
CA GLY A 352 1.54 5.47 -24.81
C GLY A 352 0.12 5.24 -25.29
N LEU A 353 -0.09 5.47 -26.59
CA LEU A 353 -1.38 5.28 -27.24
C LEU A 353 -1.12 4.36 -28.43
N PHE A 354 -2.04 3.42 -28.65
CA PHE A 354 -1.88 2.45 -29.72
C PHE A 354 -3.19 2.12 -30.39
N PRO A 355 -3.15 1.79 -31.69
CA PRO A 355 -4.40 1.45 -32.37
C PRO A 355 -4.79 0.14 -31.68
N ALA A 356 -6.07 -0.06 -31.43
CA ALA A 356 -6.48 -1.29 -30.77
C ALA A 356 -7.90 -1.63 -31.13
N ASN A 357 -8.22 -2.90 -30.92
CA ASN A 357 -9.55 -3.41 -31.18
C ASN A 357 -9.80 -4.61 -30.27
N ARG A 358 -11.07 -4.83 -29.95
CA ARG A 358 -11.45 -5.93 -29.10
C ARG A 358 -11.58 -7.21 -29.90
N VAL A 359 -11.30 -8.31 -29.23
CA VAL A 359 -11.41 -9.64 -29.79
C VAL A 359 -11.73 -10.52 -28.59
N GLY A 360 -13.00 -10.89 -28.46
CA GLY A 360 -13.39 -11.71 -27.34
C GLY A 360 -13.32 -10.88 -26.07
N ASP A 361 -12.59 -11.40 -25.08
CA ASP A 361 -12.45 -10.67 -23.82
C ASP A 361 -11.10 -9.97 -23.73
N ASP A 362 -10.36 -9.95 -24.83
CA ASP A 362 -9.05 -9.30 -24.84
C ASP A 362 -9.02 -8.11 -25.82
N ILE A 363 -7.89 -7.42 -25.85
CA ILE A 363 -7.70 -6.26 -26.71
C ILE A 363 -6.42 -6.43 -27.53
N GLU A 364 -6.56 -6.51 -28.86
CA GLU A 364 -5.38 -6.63 -29.72
C GLU A 364 -4.77 -5.24 -29.87
N ILE A 365 -3.45 -5.15 -29.88
CA ILE A 365 -2.78 -3.87 -30.04
C ILE A 365 -1.90 -3.97 -31.30
N TYR A 366 -2.16 -3.08 -32.24
CA TYR A 366 -1.45 -3.07 -33.51
C TYR A 366 -0.20 -2.21 -33.51
N ARG A 367 0.70 -2.54 -34.43
CA ARG A 367 1.96 -1.83 -34.59
C ARG A 367 1.72 -0.44 -35.17
N ASP A 368 0.75 -0.33 -36.06
CA ASP A 368 0.45 0.94 -36.69
C ASP A 368 -1.01 0.99 -37.10
N GLU A 369 -1.39 2.03 -37.82
CA GLU A 369 -2.77 2.21 -38.22
C GLU A 369 -3.30 1.26 -39.30
N THR A 370 -2.42 0.49 -39.93
CA THR A 370 -2.89 -0.45 -40.95
C THR A 370 -3.59 -1.60 -40.24
N ARG A 371 -3.21 -1.82 -38.98
CA ARG A 371 -3.79 -2.86 -38.14
C ARG A 371 -3.64 -4.23 -38.78
N THR A 372 -2.43 -4.50 -39.27
CA THR A 372 -2.12 -5.77 -39.91
C THR A 372 -1.21 -6.60 -39.00
N HIS A 373 -0.43 -5.90 -38.18
CA HIS A 373 0.50 -6.56 -37.26
C HIS A 373 0.16 -6.29 -35.78
N VAL A 374 -0.11 -7.37 -35.05
CA VAL A 374 -0.44 -7.28 -33.63
C VAL A 374 0.83 -7.33 -32.77
N ILE A 375 1.16 -6.22 -32.11
CA ILE A 375 2.36 -6.18 -31.27
C ILE A 375 2.18 -6.66 -29.82
N ASN A 376 0.94 -6.81 -29.39
CA ASN A 376 0.70 -7.27 -28.02
C ASN A 376 -0.78 -7.41 -27.74
N VAL A 377 -1.11 -8.16 -26.68
CA VAL A 377 -2.50 -8.36 -26.28
C VAL A 377 -2.76 -8.05 -24.82
N SER A 378 -3.85 -7.33 -24.56
CA SER A 378 -4.28 -6.97 -23.22
C SER A 378 -5.38 -7.97 -22.94
N HIS A 379 -5.25 -8.77 -21.90
CA HIS A 379 -6.26 -9.79 -21.65
C HIS A 379 -7.57 -9.48 -20.92
N HIS A 380 -7.54 -9.02 -19.68
CA HIS A 380 -8.82 -8.69 -19.02
C HIS A 380 -9.80 -9.85 -18.80
N LEU A 381 -10.50 -9.81 -17.67
CA LEU A 381 -11.45 -10.84 -17.28
C LEU A 381 -12.90 -10.33 -17.26
N ARG A 382 -13.86 -11.24 -17.41
CA ARG A 382 -15.26 -10.88 -17.43
C ARG A 382 -16.01 -11.34 -16.18
N GLN A 383 -16.86 -10.48 -15.63
CA GLN A 383 -17.65 -10.82 -14.46
C GLN A 383 -18.41 -12.10 -14.79
N GLN A 384 -18.37 -13.08 -13.89
CA GLN A 384 -19.08 -14.31 -14.13
C GLN A 384 -20.12 -14.52 -13.05
N THR A 385 -21.14 -13.67 -13.10
CA THR A 385 -22.24 -13.71 -12.14
C THR A 385 -23.54 -13.38 -12.86
N GLU A 386 -24.62 -14.06 -12.47
CA GLU A 386 -25.91 -13.81 -13.10
C GLU A 386 -26.28 -12.35 -12.88
N LYS A 387 -26.77 -11.71 -13.92
CA LYS A 387 -27.16 -10.31 -13.82
C LYS A 387 -28.40 -9.98 -14.62
N THR A 388 -29.24 -9.15 -14.02
CA THR A 388 -30.47 -8.72 -14.65
C THR A 388 -30.44 -7.20 -14.69
N GLY A 389 -30.71 -6.63 -15.85
CA GLY A 389 -30.69 -5.18 -15.98
C GLY A 389 -29.31 -4.64 -16.31
N PHE A 390 -28.28 -5.41 -15.94
CA PHE A 390 -26.91 -5.02 -16.19
C PHE A 390 -26.21 -6.09 -17.02
N ALA A 391 -25.05 -5.75 -17.56
CA ALA A 391 -24.29 -6.68 -18.38
C ALA A 391 -23.10 -7.26 -17.62
N ASN A 392 -22.54 -8.34 -18.13
CA ASN A 392 -21.38 -8.95 -17.51
C ASN A 392 -20.19 -8.19 -18.08
N TYR A 393 -19.70 -7.22 -17.31
CA TYR A 393 -18.61 -6.36 -17.75
C TYR A 393 -17.24 -6.98 -17.95
N CYS A 394 -16.56 -6.43 -18.95
CA CYS A 394 -15.21 -6.81 -19.32
C CYS A 394 -14.68 -5.52 -19.89
N LEU A 395 -13.49 -5.09 -19.45
CA LEU A 395 -12.93 -3.85 -19.96
C LEU A 395 -12.86 -3.83 -21.48
N ALA A 396 -12.52 -4.96 -22.07
CA ALA A 396 -12.44 -5.08 -23.52
C ALA A 396 -13.72 -4.55 -24.19
N ASP A 397 -14.86 -4.84 -23.58
CA ASP A 397 -16.15 -4.38 -24.08
C ASP A 397 -16.18 -2.90 -24.47
N PHE A 398 -15.37 -2.09 -23.78
CA PHE A 398 -15.34 -0.65 -24.05
C PHE A 398 -14.46 -0.23 -25.23
N VAL A 399 -13.90 -1.21 -25.93
CA VAL A 399 -13.09 -0.92 -27.11
C VAL A 399 -13.84 -1.49 -28.31
N ALA A 400 -13.88 -0.75 -29.41
CA ALA A 400 -14.60 -1.19 -30.60
C ALA A 400 -14.22 -2.61 -31.06
N PRO A 401 -15.22 -3.46 -31.30
CA PRO A 401 -14.99 -4.84 -31.75
C PRO A 401 -14.19 -4.85 -33.05
N LYS A 402 -13.27 -5.80 -33.19
CA LYS A 402 -12.49 -5.88 -34.42
C LYS A 402 -13.43 -6.00 -35.60
N LEU A 403 -14.41 -6.88 -35.47
CA LEU A 403 -15.39 -7.11 -36.51
C LEU A 403 -16.43 -6.00 -36.64
N SER A 404 -16.00 -4.75 -36.50
CA SER A 404 -16.91 -3.61 -36.64
C SER A 404 -16.27 -2.61 -37.59
N GLY A 405 -14.98 -2.82 -37.87
CA GLY A 405 -14.26 -1.95 -38.77
C GLY A 405 -13.94 -0.58 -38.19
N LYS A 406 -14.49 -0.29 -37.03
CA LYS A 406 -14.25 1.01 -36.40
C LYS A 406 -12.84 1.09 -35.82
N ALA A 407 -12.18 2.22 -36.06
CA ALA A 407 -10.82 2.44 -35.57
C ALA A 407 -10.84 2.92 -34.11
N ASP A 408 -10.26 2.14 -33.22
CA ASP A 408 -10.23 2.51 -31.81
C ASP A 408 -8.80 2.54 -31.29
N TYR A 409 -8.63 2.79 -30.00
CA TYR A 409 -7.30 2.89 -29.41
C TYR A 409 -7.27 2.40 -27.96
N ILE A 410 -6.09 2.44 -27.36
CA ILE A 410 -5.92 2.04 -25.98
C ILE A 410 -4.67 2.73 -25.48
N GLY A 411 -4.69 3.19 -24.23
CA GLY A 411 -3.53 3.89 -23.70
C GLY A 411 -2.90 3.21 -22.51
N ALA A 412 -1.67 3.57 -22.19
CA ALA A 412 -0.98 2.96 -21.05
C ALA A 412 -0.05 3.97 -20.42
N PHE A 413 0.21 3.79 -19.14
CA PHE A 413 1.08 4.71 -18.44
C PHE A 413 1.70 4.07 -17.20
N ALA A 414 2.85 4.59 -16.82
CA ALA A 414 3.57 4.15 -15.64
C ALA A 414 4.25 5.40 -15.11
N VAL A 415 4.00 5.74 -13.86
CA VAL A 415 4.59 6.93 -13.26
C VAL A 415 5.06 6.61 -11.86
N THR A 416 6.06 7.35 -11.39
CA THR A 416 6.61 7.17 -10.06
C THR A 416 6.88 8.55 -9.45
N GLY A 417 6.77 8.65 -8.13
CA GLY A 417 7.02 9.93 -7.48
C GLY A 417 8.48 10.31 -7.53
N GLY A 418 9.34 9.33 -7.84
CA GLY A 418 10.77 9.58 -7.92
C GLY A 418 11.61 8.33 -7.64
N LEU A 419 12.65 8.11 -8.43
CA LEU A 419 13.50 6.95 -8.24
C LEU A 419 14.36 7.12 -7.00
N GLU A 420 14.30 8.31 -6.40
CA GLU A 420 15.09 8.62 -5.22
C GLU A 420 14.35 8.36 -3.91
N GLU A 421 13.11 7.89 -4.00
CA GLU A 421 12.33 7.62 -2.81
C GLU A 421 13.14 6.84 -1.77
N ASP A 422 13.73 5.73 -2.20
CA ASP A 422 14.50 4.86 -1.30
C ASP A 422 15.75 5.51 -0.71
N ALA A 423 16.55 6.18 -1.54
CA ALA A 423 17.75 6.84 -1.02
C ALA A 423 17.32 7.77 0.10
N LEU A 424 16.39 8.67 -0.22
CA LEU A 424 15.85 9.64 0.73
C LEU A 424 15.35 9.01 2.01
N ALA A 425 14.60 7.93 1.89
CA ALA A 425 14.05 7.25 3.06
C ALA A 425 15.17 6.71 3.93
N ASP A 426 16.22 6.18 3.29
CA ASP A 426 17.36 5.63 4.02
C ASP A 426 18.07 6.71 4.80
N ALA A 427 18.28 7.86 4.18
CA ALA A 427 18.95 8.97 4.83
C ALA A 427 18.27 9.29 6.17
N PHE A 428 16.97 9.53 6.13
CA PHE A 428 16.23 9.82 7.35
C PHE A 428 16.32 8.61 8.26
N GLU A 429 16.25 7.42 7.66
CA GLU A 429 16.34 6.18 8.42
C GLU A 429 17.65 6.17 9.19
N ALA A 430 18.71 6.65 8.53
CA ALA A 430 20.01 6.71 9.15
C ALA A 430 19.93 7.52 10.44
N GLN A 431 19.63 8.81 10.30
CA GLN A 431 19.53 9.71 11.44
C GLN A 431 18.32 9.47 12.34
N HIS A 432 17.86 8.22 12.39
CA HIS A 432 16.72 7.83 13.21
C HIS A 432 15.53 8.77 13.18
N ASP A 433 15.26 9.35 12.01
CA ASP A 433 14.15 10.27 11.85
C ASP A 433 12.97 9.58 11.19
N ASP A 434 12.15 8.92 12.00
CA ASP A 434 11.00 8.21 11.46
C ASP A 434 9.97 9.17 10.89
N TYR A 435 9.90 10.36 11.45
CA TYR A 435 8.95 11.36 10.99
C TYR A 435 9.01 11.58 9.48
N ASN A 436 10.09 12.19 8.99
CA ASN A 436 10.16 12.41 7.54
C ASN A 436 10.62 11.22 6.71
N LYS A 437 10.87 10.09 7.38
CA LYS A 437 11.23 8.88 6.67
C LYS A 437 9.88 8.44 6.10
N ILE A 438 8.85 8.59 6.93
CA ILE A 438 7.48 8.27 6.59
C ILE A 438 6.94 9.37 5.68
N MET A 439 7.24 10.62 6.04
CA MET A 439 6.82 11.79 5.29
C MET A 439 7.21 11.70 3.81
N VAL A 440 8.50 11.52 3.55
CA VAL A 440 9.01 11.44 2.19
C VAL A 440 8.38 10.34 1.35
N LYS A 441 8.07 9.20 1.96
CA LYS A 441 7.46 8.11 1.23
C LYS A 441 5.99 8.41 0.97
N ALA A 442 5.31 8.97 1.97
CA ALA A 442 3.91 9.31 1.85
C ALA A 442 3.76 10.41 0.80
N LEU A 443 4.75 11.29 0.77
CA LEU A 443 4.78 12.39 -0.18
C LEU A 443 5.14 11.90 -1.58
N ALA A 444 6.00 10.89 -1.65
CA ALA A 444 6.38 10.33 -2.95
C ALA A 444 5.14 9.65 -3.54
N ASP A 445 4.32 9.07 -2.67
CA ASP A 445 3.08 8.40 -3.09
C ASP A 445 2.07 9.43 -3.61
N ARG A 446 1.92 10.55 -2.90
CA ARG A 446 1.00 11.59 -3.32
C ARG A 446 1.46 12.10 -4.68
N LEU A 447 2.76 12.29 -4.82
CA LEU A 447 3.36 12.77 -6.07
C LEU A 447 3.08 11.84 -7.23
N ALA A 448 3.11 10.54 -6.96
CA ALA A 448 2.86 9.53 -7.98
C ALA A 448 1.42 9.57 -8.43
N GLU A 449 0.51 9.59 -7.47
CA GLU A 449 -0.90 9.60 -7.80
C GLU A 449 -1.24 10.95 -8.46
N ALA A 450 -0.54 11.99 -8.05
CA ALA A 450 -0.76 13.30 -8.63
C ALA A 450 -0.31 13.28 -10.09
N PHE A 451 0.76 12.53 -10.37
CA PHE A 451 1.28 12.43 -11.73
C PHE A 451 0.27 11.68 -12.59
N ALA A 452 -0.39 10.69 -12.01
CA ALA A 452 -1.38 9.90 -12.74
C ALA A 452 -2.61 10.73 -13.08
N GLU A 453 -2.95 11.68 -12.21
CA GLU A 453 -4.11 12.53 -12.44
C GLU A 453 -3.75 13.54 -13.52
N TYR A 454 -2.58 14.13 -13.39
CA TYR A 454 -2.09 15.13 -14.34
C TYR A 454 -1.95 14.55 -15.75
N LEU A 455 -1.33 13.37 -15.84
CA LEU A 455 -1.12 12.72 -17.12
C LEU A 455 -2.42 12.25 -17.77
N HIS A 456 -3.38 11.85 -16.94
CA HIS A 456 -4.66 11.40 -17.48
C HIS A 456 -5.37 12.61 -18.10
N GLU A 457 -5.11 13.79 -17.55
CA GLU A 457 -5.70 15.02 -18.03
C GLU A 457 -5.02 15.35 -19.38
N ARG A 458 -3.70 15.30 -19.38
CA ARG A 458 -2.93 15.56 -20.60
C ARG A 458 -3.41 14.63 -21.72
N VAL A 459 -3.62 13.36 -21.39
CA VAL A 459 -4.08 12.38 -22.37
C VAL A 459 -5.45 12.79 -22.93
N ARG A 460 -6.39 13.09 -22.04
CA ARG A 460 -7.74 13.49 -22.40
C ARG A 460 -7.75 14.77 -23.26
N LYS A 461 -6.99 15.77 -22.82
CA LYS A 461 -6.95 17.05 -23.52
C LYS A 461 -5.98 17.15 -24.68
N VAL A 462 -4.81 16.51 -24.60
CA VAL A 462 -3.83 16.62 -25.67
C VAL A 462 -3.48 15.32 -26.41
N TYR A 463 -2.67 14.47 -25.79
CA TYR A 463 -2.24 13.21 -26.40
C TYR A 463 -3.34 12.44 -27.12
N TRP A 464 -4.46 12.23 -26.45
CA TRP A 464 -5.56 11.53 -27.09
C TRP A 464 -6.44 12.61 -27.74
N GLY A 465 -6.57 13.74 -27.03
CA GLY A 465 -7.34 14.89 -27.50
C GLY A 465 -8.85 14.90 -27.68
N TYR A 466 -9.60 14.12 -26.90
CA TYR A 466 -11.06 14.12 -27.08
C TYR A 466 -11.76 15.11 -26.15
N ALA A 467 -10.98 15.73 -25.28
CA ALA A 467 -11.49 16.69 -24.31
C ALA A 467 -10.55 17.86 -24.12
N PRO A 468 -10.12 18.48 -25.24
CA PRO A 468 -9.21 19.63 -25.16
C PRO A 468 -9.75 20.85 -24.39
N ASN A 469 -11.06 21.09 -24.47
CA ASN A 469 -11.67 22.23 -23.78
C ASN A 469 -12.00 21.95 -22.33
N GLU A 470 -11.94 20.68 -21.95
CA GLU A 470 -12.22 20.29 -20.57
C GLU A 470 -11.32 21.04 -19.60
N ASN A 471 -11.91 21.55 -18.52
CA ASN A 471 -11.15 22.26 -17.50
C ASN A 471 -11.85 22.09 -16.15
N LEU A 472 -11.33 21.15 -15.36
CA LEU A 472 -11.90 20.84 -14.06
C LEU A 472 -11.01 21.29 -12.91
N SER A 473 -11.61 21.42 -11.73
CA SER A 473 -10.89 21.80 -10.53
C SER A 473 -10.31 20.50 -9.97
N ASN A 474 -9.38 20.59 -9.03
CA ASN A 474 -8.82 19.36 -8.47
C ASN A 474 -9.97 18.56 -7.86
N GLU A 475 -10.84 19.25 -7.15
CA GLU A 475 -11.99 18.62 -6.53
C GLU A 475 -12.79 17.89 -7.59
N GLU A 476 -12.90 18.53 -8.76
CA GLU A 476 -13.66 17.96 -9.86
C GLU A 476 -12.98 16.72 -10.44
N LEU A 477 -11.64 16.72 -10.45
CA LEU A 477 -10.87 15.58 -10.96
C LEU A 477 -11.01 14.37 -10.03
N ILE A 478 -10.92 14.62 -8.73
CA ILE A 478 -11.05 13.57 -7.73
C ILE A 478 -12.42 12.89 -7.82
N ARG A 479 -13.43 13.64 -8.23
CA ARG A 479 -14.77 13.09 -8.37
C ARG A 479 -14.92 12.38 -9.71
N GLU A 480 -13.85 12.38 -10.49
CA GLU A 480 -13.81 11.73 -11.80
C GLU A 480 -14.95 12.18 -12.70
N ASN A 481 -15.25 13.47 -12.66
CA ASN A 481 -16.31 14.03 -13.47
C ASN A 481 -15.74 14.35 -14.85
N TYR A 482 -15.25 13.31 -15.52
CA TYR A 482 -14.66 13.46 -16.85
C TYR A 482 -14.92 12.21 -17.69
N GLN A 483 -14.53 12.28 -18.96
CA GLN A 483 -14.72 11.15 -19.87
C GLN A 483 -13.55 10.16 -19.83
N GLY A 484 -13.90 8.88 -19.80
CA GLY A 484 -12.90 7.83 -19.76
C GLY A 484 -12.46 7.42 -18.37
N ILE A 485 -11.77 6.29 -18.30
CA ILE A 485 -11.26 5.77 -17.04
C ILE A 485 -9.80 5.33 -17.23
N ARG A 486 -9.13 5.07 -16.12
CA ARG A 486 -7.75 4.60 -16.17
C ARG A 486 -7.56 3.45 -15.17
N PRO A 487 -8.18 2.31 -15.45
CA PRO A 487 -8.06 1.16 -14.54
C PRO A 487 -6.62 0.68 -14.43
N ALA A 488 -6.24 0.27 -13.23
CA ALA A 488 -4.89 -0.18 -12.96
C ALA A 488 -4.87 -1.66 -12.54
N PRO A 489 -4.04 -2.48 -13.21
CA PRO A 489 -3.93 -3.90 -12.89
C PRO A 489 -3.85 -4.15 -11.38
N GLY A 490 -4.75 -4.99 -10.89
CA GLY A 490 -4.79 -5.29 -9.47
C GLY A 490 -6.12 -4.86 -8.88
N TYR A 491 -6.69 -3.77 -9.39
CA TYR A 491 -7.98 -3.28 -8.91
C TYR A 491 -9.11 -4.18 -9.41
N PRO A 492 -10.30 -4.09 -8.80
CA PRO A 492 -11.48 -4.88 -9.14
C PRO A 492 -11.86 -5.21 -10.58
N ALA A 493 -11.73 -4.25 -11.50
CA ALA A 493 -12.09 -4.49 -12.90
C ALA A 493 -11.01 -5.20 -13.71
N CYS A 494 -9.82 -5.29 -13.14
CA CYS A 494 -8.71 -5.95 -13.78
C CYS A 494 -7.73 -6.46 -12.72
N PRO A 495 -8.16 -7.46 -11.93
CA PRO A 495 -7.39 -8.07 -10.85
C PRO A 495 -6.06 -8.73 -11.23
N GLU A 496 -6.03 -9.45 -12.35
CA GLU A 496 -4.81 -10.12 -12.78
C GLU A 496 -3.57 -9.21 -12.84
N HIS A 497 -2.80 -9.20 -11.75
CA HIS A 497 -1.58 -8.40 -11.61
C HIS A 497 -0.52 -8.65 -12.67
N THR A 498 -0.51 -9.85 -13.23
CA THR A 498 0.49 -10.20 -14.23
C THR A 498 0.44 -9.32 -15.46
N GLU A 499 -0.75 -8.81 -15.80
CA GLU A 499 -0.90 -7.95 -16.96
C GLU A 499 -0.05 -6.68 -16.92
N LYS A 500 0.57 -6.42 -15.77
CA LYS A 500 1.44 -5.25 -15.67
C LYS A 500 2.61 -5.47 -16.63
N ALA A 501 2.87 -6.74 -16.94
CA ALA A 501 3.95 -7.11 -17.86
C ALA A 501 3.60 -6.56 -19.24
N THR A 502 2.33 -6.65 -19.60
CA THR A 502 1.85 -6.14 -20.88
C THR A 502 2.18 -4.65 -21.00
N ILE A 503 1.86 -3.89 -19.96
CA ILE A 503 2.13 -2.46 -19.93
C ILE A 503 3.62 -2.19 -20.00
N TRP A 504 4.39 -3.00 -19.28
CA TRP A 504 5.84 -2.80 -19.26
C TRP A 504 6.50 -3.15 -20.57
N GLU A 505 5.84 -4.00 -21.35
CA GLU A 505 6.34 -4.39 -22.66
C GLU A 505 5.97 -3.30 -23.66
N LEU A 506 4.69 -2.92 -23.69
CA LEU A 506 4.22 -1.88 -24.60
C LEU A 506 4.99 -0.58 -24.42
N LEU A 507 5.09 -0.12 -23.18
CA LEU A 507 5.77 1.12 -22.88
C LEU A 507 7.27 1.00 -22.67
N GLU A 508 7.76 -0.23 -22.53
CA GLU A 508 9.19 -0.45 -22.31
C GLU A 508 9.54 0.40 -21.09
N VAL A 509 8.69 0.29 -20.07
CA VAL A 509 8.80 1.06 -18.84
C VAL A 509 10.19 1.11 -18.21
N GLU A 510 10.72 -0.05 -17.85
CA GLU A 510 12.03 -0.12 -17.23
C GLU A 510 13.12 0.63 -17.99
N LYS A 511 13.27 0.32 -19.27
CA LYS A 511 14.29 0.97 -20.08
C LYS A 511 14.10 2.49 -20.19
N HIS A 512 12.85 2.95 -20.12
CA HIS A 512 12.52 4.38 -20.21
C HIS A 512 12.54 5.19 -18.91
N THR A 513 12.15 4.57 -17.80
CA THR A 513 12.08 5.29 -16.53
C THR A 513 12.94 4.77 -15.38
N GLY A 514 13.17 3.46 -15.36
CA GLY A 514 13.96 2.89 -14.29
C GLY A 514 13.05 2.06 -13.42
N MET A 515 11.77 2.43 -13.40
CA MET A 515 10.79 1.70 -12.62
C MET A 515 10.97 0.22 -12.94
N LYS A 516 10.78 -0.64 -11.95
CA LYS A 516 10.95 -2.08 -12.12
C LYS A 516 9.70 -2.86 -11.75
N LEU A 517 9.75 -4.17 -12.03
CA LEU A 517 8.64 -5.07 -11.74
C LEU A 517 9.21 -6.27 -10.98
N THR A 518 8.48 -6.77 -9.98
CA THR A 518 8.95 -7.91 -9.19
C THR A 518 8.26 -9.19 -9.65
N GLU A 519 8.66 -10.31 -9.06
CA GLU A 519 8.08 -11.60 -9.42
C GLU A 519 6.61 -11.63 -9.02
N SER A 520 6.28 -10.90 -7.98
CA SER A 520 4.89 -10.84 -7.52
C SER A 520 4.17 -9.75 -8.31
N PHE A 521 4.93 -9.10 -9.19
CA PHE A 521 4.44 -8.02 -10.04
C PHE A 521 4.05 -6.75 -9.30
N ALA A 522 4.88 -6.40 -8.33
CA ALA A 522 4.73 -5.19 -7.55
C ALA A 522 5.65 -4.26 -8.29
N MET A 523 5.46 -2.96 -8.12
CA MET A 523 6.31 -2.01 -8.81
C MET A 523 7.34 -1.42 -7.88
N TRP A 524 8.40 -0.87 -8.45
CA TRP A 524 9.44 -0.22 -7.69
C TRP A 524 9.88 0.99 -8.51
N PRO A 525 10.07 2.15 -7.87
CA PRO A 525 9.91 2.44 -6.44
C PRO A 525 8.50 2.14 -5.93
N GLY A 526 8.34 2.15 -4.61
CA GLY A 526 7.04 1.89 -4.01
C GLY A 526 6.05 2.95 -4.46
N ALA A 527 6.52 4.19 -4.50
CA ALA A 527 5.72 5.32 -4.91
C ALA A 527 5.58 5.32 -6.43
N SER A 528 4.76 4.41 -6.95
CA SER A 528 4.56 4.33 -8.39
C SER A 528 3.20 3.76 -8.75
N VAL A 529 2.69 4.18 -9.90
CA VAL A 529 1.37 3.77 -10.38
C VAL A 529 1.47 3.43 -11.86
N SER A 530 0.57 2.60 -12.34
CA SER A 530 0.54 2.25 -13.75
C SER A 530 -0.86 1.75 -14.10
N GLY A 531 -1.28 1.94 -15.34
CA GLY A 531 -2.60 1.46 -15.73
C GLY A 531 -2.92 1.70 -17.19
N TRP A 532 -4.18 1.51 -17.55
CA TRP A 532 -4.61 1.73 -18.92
C TRP A 532 -5.44 3.02 -19.05
N TYR A 533 -5.83 3.32 -20.29
CA TYR A 533 -6.64 4.49 -20.60
C TYR A 533 -7.72 4.07 -21.58
N PHE A 534 -8.96 4.35 -21.23
CA PHE A 534 -10.08 4.04 -22.10
C PHE A 534 -10.81 5.36 -22.35
N SER A 535 -11.24 5.57 -23.58
CA SER A 535 -11.92 6.80 -23.93
C SER A 535 -13.44 6.73 -23.87
N HIS A 536 -14.02 5.56 -24.13
CA HIS A 536 -15.48 5.42 -24.13
C HIS A 536 -16.15 6.19 -23.02
N PRO A 537 -17.19 6.97 -23.36
CA PRO A 537 -17.90 7.76 -22.34
C PRO A 537 -18.72 6.89 -21.39
N ASP A 538 -18.98 5.64 -21.80
CA ASP A 538 -19.74 4.70 -20.99
C ASP A 538 -18.88 3.77 -20.14
N SER A 539 -17.55 3.89 -20.26
CA SER A 539 -16.66 3.02 -19.50
C SER A 539 -16.60 3.41 -18.02
N LYS A 540 -16.77 2.42 -17.14
CA LYS A 540 -16.72 2.68 -15.71
C LYS A 540 -16.06 1.53 -14.94
N TYR A 541 -15.78 1.78 -13.67
CA TYR A 541 -15.15 0.76 -12.83
C TYR A 541 -16.19 -0.22 -12.27
N TYR A 542 -15.74 -1.44 -12.02
CA TYR A 542 -16.59 -2.50 -11.50
C TYR A 542 -15.61 -3.58 -11.06
N ALA A 543 -16.14 -4.65 -10.46
CA ALA A 543 -15.27 -5.73 -10.02
C ALA A 543 -15.59 -6.99 -10.82
N VAL A 544 -14.54 -7.71 -11.20
CA VAL A 544 -14.72 -8.95 -11.96
C VAL A 544 -15.25 -9.97 -10.96
N ALA A 545 -14.88 -9.76 -9.70
CA ALA A 545 -15.33 -10.62 -8.62
C ALA A 545 -14.93 -12.08 -8.86
N GLN A 546 -15.78 -12.99 -8.39
CA GLN A 546 -15.55 -14.42 -8.52
C GLN A 546 -15.87 -14.96 -9.90
N ILE A 547 -14.91 -15.69 -10.47
CA ILE A 547 -15.06 -16.29 -11.78
C ILE A 547 -15.00 -17.81 -11.62
N GLN A 548 -15.42 -18.53 -12.65
CA GLN A 548 -15.43 -19.99 -12.59
C GLN A 548 -14.28 -20.70 -13.30
N ARG A 549 -14.34 -22.02 -13.30
CA ARG A 549 -13.34 -22.89 -13.90
C ARG A 549 -13.20 -22.65 -15.42
N ASP A 550 -14.34 -22.47 -16.09
CA ASP A 550 -14.31 -22.26 -17.54
C ASP A 550 -13.46 -21.06 -17.97
N GLN A 551 -13.62 -19.93 -17.28
CA GLN A 551 -12.83 -18.74 -17.62
C GLN A 551 -11.38 -18.92 -17.20
N VAL A 552 -11.16 -19.64 -16.11
CA VAL A 552 -9.79 -19.89 -15.64
C VAL A 552 -9.03 -20.65 -16.70
N GLU A 553 -9.72 -21.58 -17.35
CA GLU A 553 -9.11 -22.39 -18.41
C GLU A 553 -8.94 -21.63 -19.71
N ASP A 554 -9.99 -20.94 -20.14
CA ASP A 554 -9.91 -20.15 -21.36
C ASP A 554 -8.79 -19.12 -21.21
N TYR A 555 -8.76 -18.46 -20.05
CA TYR A 555 -7.76 -17.44 -19.74
C TYR A 555 -6.38 -18.08 -19.76
N ALA A 556 -6.27 -19.28 -19.19
CA ALA A 556 -4.99 -20.01 -19.15
C ALA A 556 -4.45 -20.21 -20.56
N ARG A 557 -5.31 -20.67 -21.47
CA ARG A 557 -4.90 -20.86 -22.86
C ARG A 557 -4.37 -19.55 -23.43
N ARG A 558 -5.16 -18.50 -23.29
CA ARG A 558 -4.79 -17.18 -23.80
C ARG A 558 -3.50 -16.62 -23.19
N LYS A 559 -3.29 -16.85 -21.91
CA LYS A 559 -2.09 -16.34 -21.24
C LYS A 559 -0.90 -17.27 -21.41
N GLY A 560 -1.19 -18.52 -21.80
CA GLY A 560 -0.13 -19.49 -21.96
C GLY A 560 0.41 -19.92 -20.61
N MET A 561 -0.50 -20.11 -19.66
CA MET A 561 -0.15 -20.53 -18.30
C MET A 561 -0.94 -21.77 -17.91
N SER A 562 -0.46 -22.47 -16.89
CA SER A 562 -1.17 -23.65 -16.43
C SER A 562 -2.43 -23.19 -15.70
N VAL A 563 -3.45 -24.03 -15.67
CA VAL A 563 -4.68 -23.68 -15.00
C VAL A 563 -4.33 -23.47 -13.53
N THR A 564 -3.24 -24.10 -13.09
CA THR A 564 -2.76 -24.00 -11.72
C THR A 564 -2.18 -22.63 -11.40
N GLU A 565 -1.36 -22.12 -12.31
CA GLU A 565 -0.73 -20.82 -12.15
C GLU A 565 -1.75 -19.66 -12.15
N VAL A 566 -2.72 -19.74 -13.05
CA VAL A 566 -3.74 -18.70 -13.13
C VAL A 566 -4.67 -18.70 -11.93
N GLU A 567 -4.80 -19.84 -11.26
CA GLU A 567 -5.66 -19.94 -10.09
C GLU A 567 -5.00 -19.29 -8.89
N ARG A 568 -3.67 -19.27 -8.88
CA ARG A 568 -2.94 -18.66 -7.79
C ARG A 568 -3.09 -17.15 -7.93
N TRP A 569 -2.92 -16.65 -9.15
CA TRP A 569 -3.01 -15.24 -9.46
C TRP A 569 -4.41 -14.66 -9.29
N LEU A 570 -5.42 -15.47 -9.52
CA LEU A 570 -6.78 -14.98 -9.39
C LEU A 570 -7.45 -15.53 -8.13
N ALA A 571 -6.62 -16.05 -7.23
CA ALA A 571 -7.10 -16.64 -5.98
C ALA A 571 -8.25 -15.89 -5.33
N PRO A 572 -8.08 -14.58 -5.05
CA PRO A 572 -9.16 -13.81 -4.41
C PRO A 572 -10.44 -13.72 -5.23
N ASN A 573 -10.32 -13.99 -6.53
CA ASN A 573 -11.46 -13.89 -7.43
C ASN A 573 -12.04 -15.23 -7.87
N LEU A 574 -11.50 -16.31 -7.35
CA LEU A 574 -12.00 -17.63 -7.72
C LEU A 574 -13.37 -17.86 -7.08
N GLY A 575 -14.31 -18.33 -7.90
CA GLY A 575 -15.66 -18.60 -7.41
C GLY A 575 -15.77 -19.98 -6.81
N TYR A 576 -14.65 -20.71 -6.79
CA TYR A 576 -14.61 -22.05 -6.23
C TYR A 576 -13.38 -22.20 -5.34
N ASP A 577 -13.20 -23.37 -4.73
CA ASP A 577 -12.07 -23.59 -3.84
C ASP A 577 -10.74 -23.88 -4.52
N ALA A 578 -9.66 -23.71 -3.76
CA ALA A 578 -8.30 -23.93 -4.23
C ALA A 578 -7.96 -25.42 -4.20
#